data_6X5G
#
_entry.id   6X5G
#
_cell.length_a   36.290
_cell.length_b   66.173
_cell.length_c   61.706
_cell.angle_alpha   90.000
_cell.angle_beta   99.780
_cell.angle_gamma   90.000
#
_symmetry.space_group_name_H-M   'P 1 21 1'
#
loop_
_entity.id
_entity.type
_entity.pdbx_description
1 polymer 'Calcium/calmodulin-dependent protein kinase type II subunit alpha'
2 polymer 'Leucine-rich repeat-containing protein 7'
3 non-polymer GLYCEROL
4 non-polymer BICINE
5 water water
#
loop_
_entity_poly.entity_id
_entity_poly.type
_entity_poly.pdbx_seq_one_letter_code
_entity_poly.pdbx_strand_id
1 'polypeptide(L)'
;TRFTEEYQLFEELGKGAFSVVRRCVKVLAGQEYAAKIINTKKLSARDHQKLEREARICRLLKHPNIVRLHDSISEEGHHY
LIFDLVTGGELFEDIVAREYYSEADASHCIQQILEAVLHCHQMGVVHRNLKPENLLLASKLKGAAVKLADFGLAIEVEGE
QQAWFGFAGTPGYLSPEVLRKDPYGKPVDLWACGVILYILLVGYPPFWDEDQHRLYKQIKAGAYDFPSPEWDTVTPEAKD
LINKMLTINPSKRITAAEALKHPWISHR
;
A
2 'polypeptide(L)' SKSRSTSSHGRRPLIRQDRIVG B
#
# COMPACT_ATOMS: atom_id res chain seq x y z
N THR A 1 -21.23 -12.62 22.25
CA THR A 1 -21.08 -12.88 20.77
C THR A 1 -19.73 -13.61 20.56
N ARG A 2 -19.45 -13.96 19.30
CA ARG A 2 -18.46 -14.98 18.88
C ARG A 2 -17.03 -14.55 19.20
N PHE A 3 -16.70 -13.26 19.25
CA PHE A 3 -15.27 -12.91 19.45
C PHE A 3 -14.88 -13.27 20.89
N THR A 4 -15.60 -12.71 21.85
CA THR A 4 -15.41 -12.99 23.30
C THR A 4 -15.42 -14.50 23.57
N GLU A 5 -16.26 -15.28 22.90
CA GLU A 5 -16.37 -16.74 23.14
C GLU A 5 -15.18 -17.49 22.53
N GLU A 6 -14.72 -17.08 21.35
CA GLU A 6 -13.79 -17.91 20.52
C GLU A 6 -12.35 -17.40 20.56
N TYR A 7 -12.11 -16.17 20.99
CA TYR A 7 -10.77 -15.55 20.87
C TYR A 7 -10.31 -15.06 22.23
N GLN A 8 -9.00 -15.11 22.43
CA GLN A 8 -8.25 -14.44 23.50
C GLN A 8 -7.35 -13.35 22.90
N LEU A 9 -7.31 -12.24 23.61
CA LEU A 9 -6.61 -11.00 23.23
C LEU A 9 -5.25 -10.93 23.92
N PHE A 10 -4.21 -10.54 23.21
CA PHE A 10 -2.86 -10.34 23.80
C PHE A 10 -2.37 -8.92 23.50
N GLU A 11 -1.09 -8.75 23.16
CA GLU A 11 -0.42 -7.42 23.16
C GLU A 11 -0.88 -6.57 21.98
N GLU A 12 -0.79 -5.26 22.15
CA GLU A 12 -1.04 -4.26 21.08
C GLU A 12 0.08 -4.38 20.06
N LEU A 13 -0.28 -4.44 18.78
CA LEU A 13 0.63 -4.51 17.61
C LEU A 13 0.72 -3.15 16.93
N GLY A 14 -0.36 -2.36 16.91
CA GLY A 14 -0.40 -1.10 16.17
C GLY A 14 -1.57 -0.28 16.66
N LYS A 15 -1.57 1.02 16.42
CA LYS A 15 -2.68 1.90 16.87
C LYS A 15 -2.91 2.98 15.83
N GLY A 16 -4.18 3.31 15.60
CA GLY A 16 -4.64 4.45 14.78
C GLY A 16 -5.39 5.45 15.63
N ALA A 17 -5.89 6.50 14.98
CA ALA A 17 -6.79 7.49 15.59
C ALA A 17 -8.01 6.79 16.19
N PHE A 18 -8.54 5.76 15.53
CA PHE A 18 -9.88 5.19 15.80
C PHE A 18 -9.80 3.66 15.92
N SER A 19 -8.63 3.09 16.15
CA SER A 19 -8.47 1.62 16.24
C SER A 19 -7.24 1.23 17.05
N VAL A 20 -7.28 0.00 17.53
CA VAL A 20 -6.14 -0.72 18.15
C VAL A 20 -6.11 -2.13 17.53
N VAL A 21 -4.91 -2.55 17.16
CA VAL A 21 -4.67 -3.92 16.61
C VAL A 21 -3.97 -4.69 17.72
N ARG A 22 -4.55 -5.82 18.11
CA ARG A 22 -4.00 -6.70 19.16
C ARG A 22 -3.83 -8.08 18.54
N ARG A 23 -2.74 -8.75 18.91
CA ARG A 23 -2.61 -10.21 18.69
C ARG A 23 -3.79 -10.90 19.38
N CYS A 24 -4.39 -11.85 18.68
CA CYS A 24 -5.44 -12.71 19.25
C CYS A 24 -5.17 -14.16 18.86
N VAL A 25 -5.81 -15.08 19.60
CA VAL A 25 -5.70 -16.53 19.36
C VAL A 25 -7.13 -17.07 19.26
N LYS A 26 -7.44 -17.72 18.16
CA LYS A 26 -8.70 -18.50 18.01
C LYS A 26 -8.47 -19.81 18.77
N VAL A 27 -8.90 -19.83 20.01
CA VAL A 27 -8.39 -20.71 21.10
C VAL A 27 -8.52 -22.19 20.67
N LEU A 28 -9.68 -22.59 20.18
CA LEU A 28 -9.97 -24.03 19.85
C LEU A 28 -9.20 -24.46 18.59
N ALA A 29 -8.83 -23.51 17.72
CA ALA A 29 -8.08 -23.79 16.47
C ALA A 29 -6.57 -23.69 16.71
N GLY A 30 -6.14 -23.09 17.84
CA GLY A 30 -4.73 -22.81 18.18
C GLY A 30 -4.03 -21.98 17.10
N GLN A 31 -4.75 -21.03 16.48
CA GLN A 31 -4.22 -20.18 15.38
C GLN A 31 -4.24 -18.72 15.85
N GLU A 32 -3.16 -17.99 15.55
CA GLU A 32 -3.01 -16.56 15.88
C GLU A 32 -3.50 -15.74 14.70
N TYR A 33 -3.99 -14.55 14.99
CA TYR A 33 -4.47 -13.53 14.03
C TYR A 33 -4.21 -12.17 14.64
N ALA A 34 -4.39 -11.14 13.82
CA ALA A 34 -4.40 -9.73 14.29
C ALA A 34 -5.85 -9.25 14.27
N ALA A 35 -6.35 -8.81 15.42
CA ALA A 35 -7.71 -8.26 15.54
C ALA A 35 -7.58 -6.74 15.51
N LYS A 36 -8.14 -6.11 14.47
CA LYS A 36 -8.33 -4.65 14.43
C LYS A 36 -9.65 -4.36 15.14
N ILE A 37 -9.57 -3.63 16.26
CA ILE A 37 -10.67 -3.43 17.22
C ILE A 37 -11.09 -1.97 17.16
N ILE A 38 -12.38 -1.73 16.94
CA ILE A 38 -12.98 -0.37 16.81
C ILE A 38 -14.02 -0.23 17.91
N ASN A 39 -13.99 0.86 18.69
CA ASN A 39 -15.06 1.19 19.66
C ASN A 39 -16.23 1.75 18.84
N THR A 40 -17.27 0.96 18.64
CA THR A 40 -18.38 1.30 17.72
C THR A 40 -19.14 2.53 18.24
N LYS A 41 -19.29 2.67 19.56
CA LYS A 41 -20.09 3.76 20.18
C LYS A 41 -19.38 5.11 19.99
N LYS A 42 -18.07 5.12 19.70
CA LYS A 42 -17.29 6.37 19.52
C LYS A 42 -17.33 6.80 18.04
N LEU A 43 -18.03 6.06 17.16
CA LEU A 43 -18.00 6.28 15.68
C LEU A 43 -19.42 6.57 15.15
N SER A 44 -19.51 7.43 14.14
CA SER A 44 -20.73 7.76 13.35
C SER A 44 -21.10 6.59 12.44
N ALA A 45 -22.33 6.60 11.93
CA ALA A 45 -22.82 5.64 10.91
C ALA A 45 -21.94 5.77 9.67
N ARG A 46 -21.44 6.98 9.36
CA ARG A 46 -20.51 7.15 8.19
C ARG A 46 -19.23 6.34 8.45
N ASP A 47 -18.64 6.45 9.63
CA ASP A 47 -17.44 5.66 10.00
C ASP A 47 -17.79 4.16 9.93
N HIS A 48 -18.99 3.76 10.36
CA HIS A 48 -19.45 2.35 10.31
C HIS A 48 -19.47 1.83 8.86
N GLN A 49 -20.00 2.62 7.92
CA GLN A 49 -20.13 2.20 6.50
C GLN A 49 -18.75 2.12 5.85
N LYS A 50 -17.78 2.95 6.26
CA LYS A 50 -16.39 2.88 5.75
C LYS A 50 -15.78 1.55 6.20
N LEU A 51 -16.02 1.17 7.44
CA LEU A 51 -15.59 -0.15 7.96
C LEU A 51 -16.25 -1.29 7.16
N GLU A 52 -17.57 -1.24 6.95
CA GLU A 52 -18.29 -2.28 6.17
C GLU A 52 -17.71 -2.38 4.77
N ARG A 53 -17.41 -1.25 4.17
CA ARG A 53 -16.78 -1.15 2.83
C ARG A 53 -15.41 -1.87 2.85
N GLU A 54 -14.55 -1.53 3.81
CA GLU A 54 -13.21 -2.13 3.93
C GLU A 54 -13.34 -3.67 4.00
N ALA A 55 -14.26 -4.17 4.85
CA ALA A 55 -14.41 -5.62 5.12
C ALA A 55 -14.90 -6.31 3.84
N ARG A 56 -15.84 -5.65 3.15
N ARG A 56 -15.86 -5.70 3.15
CA ARG A 56 -16.45 -6.12 1.88
CA ARG A 56 -16.39 -6.29 1.89
C ARG A 56 -15.37 -6.25 0.78
C ARG A 56 -15.24 -6.36 0.87
N ILE A 57 -14.49 -5.27 0.68
CA ILE A 57 -13.42 -5.27 -0.36
C ILE A 57 -12.35 -6.29 0.02
N CYS A 58 -11.96 -6.34 1.28
CA CYS A 58 -10.99 -7.37 1.76
C CYS A 58 -11.46 -8.78 1.41
N ARG A 59 -12.75 -9.07 1.61
CA ARG A 59 -13.32 -10.42 1.36
C ARG A 59 -13.27 -10.79 -0.13
N LEU A 60 -13.24 -9.82 -1.04
CA LEU A 60 -13.09 -10.10 -2.49
C LEU A 60 -11.71 -10.71 -2.74
N LEU A 61 -10.74 -10.46 -1.88
CA LEU A 61 -9.30 -10.66 -2.27
C LEU A 61 -8.72 -11.85 -1.53
N LYS A 62 -8.13 -12.77 -2.27
CA LYS A 62 -7.46 -13.98 -1.74
C LYS A 62 -6.16 -14.15 -2.51
N HIS A 63 -5.07 -13.71 -1.90
CA HIS A 63 -3.75 -13.66 -2.57
C HIS A 63 -2.65 -13.73 -1.53
N PRO A 64 -1.56 -14.48 -1.82
CA PRO A 64 -0.40 -14.57 -0.94
C PRO A 64 0.26 -13.23 -0.54
N ASN A 65 0.07 -12.19 -1.33
CA ASN A 65 0.67 -10.86 -1.07
C ASN A 65 -0.43 -9.85 -0.72
N ILE A 66 -1.56 -10.32 -0.20
CA ILE A 66 -2.60 -9.43 0.37
C ILE A 66 -2.99 -9.94 1.75
N VAL A 67 -2.97 -9.07 2.77
CA VAL A 67 -3.45 -9.45 4.12
C VAL A 67 -4.89 -9.95 4.02
N ARG A 68 -5.12 -11.18 4.47
CA ARG A 68 -6.43 -11.81 4.34
C ARG A 68 -7.31 -11.40 5.53
N LEU A 69 -8.58 -11.10 5.25
CA LEU A 69 -9.57 -10.93 6.33
C LEU A 69 -10.31 -12.25 6.50
N HIS A 70 -10.24 -12.80 7.71
CA HIS A 70 -10.76 -14.14 8.04
C HIS A 70 -12.18 -14.00 8.59
N ASP A 71 -12.42 -12.95 9.37
CA ASP A 71 -13.76 -12.79 9.98
C ASP A 71 -13.98 -11.35 10.38
N SER A 72 -15.24 -11.03 10.59
CA SER A 72 -15.77 -9.68 10.90
C SER A 72 -16.88 -9.91 11.93
N ILE A 73 -16.65 -9.48 13.18
CA ILE A 73 -17.55 -9.83 14.32
C ILE A 73 -17.96 -8.54 15.02
N SER A 74 -19.25 -8.26 15.08
CA SER A 74 -19.79 -7.03 15.68
C SER A 74 -20.33 -7.38 17.06
N GLU A 75 -19.61 -7.02 18.13
CA GLU A 75 -20.09 -7.26 19.51
C GLU A 75 -20.70 -5.96 20.01
N GLU A 76 -21.35 -5.99 21.18
CA GLU A 76 -21.89 -4.76 21.80
C GLU A 76 -20.68 -3.88 22.16
N GLY A 77 -20.58 -2.68 21.58
CA GLY A 77 -19.56 -1.69 21.92
C GLY A 77 -18.27 -1.82 21.10
N HIS A 78 -18.01 -2.98 20.49
CA HIS A 78 -16.75 -3.21 19.75
C HIS A 78 -16.97 -4.04 18.50
N HIS A 79 -16.27 -3.66 17.42
CA HIS A 79 -16.27 -4.40 16.14
C HIS A 79 -14.86 -4.94 15.93
N TYR A 80 -14.75 -6.21 15.52
CA TYR A 80 -13.47 -6.94 15.35
C TYR A 80 -13.31 -7.35 13.88
N LEU A 81 -12.24 -6.90 13.25
CA LEU A 81 -11.79 -7.34 11.91
C LEU A 81 -10.61 -8.30 12.14
N ILE A 82 -10.79 -9.57 11.80
CA ILE A 82 -9.78 -10.61 12.14
C ILE A 82 -8.94 -10.85 10.89
N PHE A 83 -7.70 -10.37 10.90
CA PHE A 83 -6.77 -10.46 9.76
C PHE A 83 -5.66 -11.46 10.07
N ASP A 84 -4.95 -11.90 9.03
CA ASP A 84 -3.62 -12.55 9.14
C ASP A 84 -2.78 -11.77 10.14
N LEU A 85 -2.12 -12.46 11.06
CA LEU A 85 -1.02 -11.87 11.86
C LEU A 85 0.21 -11.73 10.96
N VAL A 86 0.81 -10.55 10.90
CA VAL A 86 2.12 -10.33 10.25
C VAL A 86 3.05 -9.75 11.32
N THR A 87 4.30 -10.20 11.37
CA THR A 87 5.23 -9.87 12.48
C THR A 87 6.45 -9.07 12.01
N GLY A 88 6.59 -8.78 10.71
CA GLY A 88 7.81 -8.17 10.14
C GLY A 88 7.73 -6.65 10.05
N GLY A 89 6.60 -6.09 10.47
CA GLY A 89 6.38 -4.63 10.51
C GLY A 89 6.12 -4.07 9.12
N GLU A 90 6.12 -2.76 9.02
CA GLU A 90 5.85 -2.03 7.75
C GLU A 90 7.12 -2.04 6.90
N LEU A 91 6.96 -2.15 5.57
CA LEU A 91 8.05 -1.95 4.59
C LEU A 91 8.74 -0.61 4.84
N PHE A 92 7.99 0.41 5.23
CA PHE A 92 8.57 1.74 5.54
C PHE A 92 9.70 1.57 6.57
N GLU A 93 9.40 0.85 7.65
CA GLU A 93 10.32 0.58 8.79
C GLU A 93 11.53 -0.21 8.27
N ASP A 94 11.31 -1.19 7.38
CA ASP A 94 12.40 -2.03 6.85
C ASP A 94 13.35 -1.16 6.02
N ILE A 95 12.82 -0.23 5.23
CA ILE A 95 13.63 0.65 4.32
C ILE A 95 14.48 1.60 5.17
N VAL A 96 13.90 2.21 6.20
CA VAL A 96 14.65 3.08 7.15
C VAL A 96 15.76 2.26 7.79
N ALA A 97 15.49 1.02 8.23
CA ALA A 97 16.48 0.18 8.94
C ALA A 97 17.64 -0.17 7.99
N ARG A 98 17.34 -0.44 6.72
CA ARG A 98 18.34 -0.92 5.72
C ARG A 98 18.86 0.24 4.89
N GLU A 99 18.28 1.44 5.07
CA GLU A 99 18.56 2.65 4.25
C GLU A 99 17.92 2.51 2.86
N TYR A 100 18.28 1.46 2.12
CA TYR A 100 17.74 1.15 0.76
C TYR A 100 18.06 -0.31 0.42
N TYR A 101 17.47 -0.82 -0.66
CA TYR A 101 17.57 -2.24 -1.07
C TYR A 101 18.52 -2.35 -2.25
N SER A 102 19.19 -3.51 -2.37
CA SER A 102 19.88 -3.95 -3.62
C SER A 102 18.83 -4.05 -4.73
N GLU A 103 19.25 -3.90 -5.98
CA GLU A 103 18.35 -4.07 -7.14
C GLU A 103 17.69 -5.46 -7.05
N ALA A 104 18.44 -6.50 -6.70
CA ALA A 104 17.90 -7.86 -6.55
C ALA A 104 16.75 -7.84 -5.53
N ASP A 105 16.99 -7.27 -4.35
CA ASP A 105 15.98 -7.28 -3.26
C ASP A 105 14.79 -6.38 -3.65
N ALA A 106 15.07 -5.26 -4.31
CA ALA A 106 14.03 -4.29 -4.69
C ALA A 106 13.16 -4.91 -5.77
N SER A 107 13.76 -5.65 -6.70
CA SER A 107 13.02 -6.32 -7.80
C SER A 107 12.07 -7.36 -7.19
N HIS A 108 12.57 -8.14 -6.23
CA HIS A 108 11.77 -9.20 -5.57
C HIS A 108 10.59 -8.56 -4.84
N CYS A 109 10.88 -7.43 -4.17
CA CYS A 109 9.88 -6.68 -3.37
C CYS A 109 8.78 -6.14 -4.29
N ILE A 110 9.15 -5.39 -5.32
CA ILE A 110 8.16 -4.74 -6.22
C ILE A 110 7.42 -5.79 -7.05
N GLN A 111 8.03 -6.95 -7.33
CA GLN A 111 7.32 -8.06 -8.02
C GLN A 111 6.14 -8.51 -7.16
N GLN A 112 6.37 -8.75 -5.89
CA GLN A 112 5.27 -9.20 -4.99
C GLN A 112 4.18 -8.11 -4.91
N ILE A 113 4.59 -6.85 -4.87
CA ILE A 113 3.62 -5.71 -4.75
C ILE A 113 2.81 -5.67 -6.03
N LEU A 114 3.45 -5.82 -7.18
CA LEU A 114 2.75 -5.84 -8.48
C LEU A 114 1.80 -7.02 -8.61
N GLU A 115 2.13 -8.18 -8.03
CA GLU A 115 1.29 -9.39 -8.09
C GLU A 115 0.02 -9.07 -7.29
N ALA A 116 0.19 -8.48 -6.11
CA ALA A 116 -0.92 -8.06 -5.22
C ALA A 116 -1.79 -7.06 -5.99
N VAL A 117 -1.16 -6.06 -6.60
CA VAL A 117 -1.92 -4.96 -7.26
C VAL A 117 -2.69 -5.53 -8.46
N LEU A 118 -2.04 -6.39 -9.25
CA LEU A 118 -2.72 -6.99 -10.41
C LEU A 118 -3.95 -7.76 -9.90
N HIS A 119 -3.80 -8.46 -8.77
CA HIS A 119 -4.91 -9.29 -8.26
C HIS A 119 -6.08 -8.36 -7.91
N CYS A 120 -5.79 -7.25 -7.24
CA CYS A 120 -6.82 -6.22 -6.93
C CYS A 120 -7.50 -5.78 -8.24
N HIS A 121 -6.72 -5.39 -9.22
CA HIS A 121 -7.21 -4.86 -10.52
C HIS A 121 -8.09 -5.88 -11.22
N GLN A 122 -7.69 -7.15 -11.27
CA GLN A 122 -8.48 -8.24 -11.87
C GLN A 122 -9.78 -8.40 -11.09
N MET A 123 -9.83 -8.06 -9.80
CA MET A 123 -11.05 -8.19 -8.97
C MET A 123 -11.84 -6.87 -8.98
N GLY A 124 -11.42 -5.90 -9.78
CA GLY A 124 -12.11 -4.59 -9.92
C GLY A 124 -11.96 -3.74 -8.66
N VAL A 125 -10.86 -3.88 -7.92
CA VAL A 125 -10.52 -3.07 -6.71
C VAL A 125 -9.33 -2.17 -7.05
N VAL A 126 -9.45 -0.87 -6.80
CA VAL A 126 -8.31 0.08 -6.90
C VAL A 126 -8.01 0.53 -5.48
N HIS A 127 -6.77 0.39 -5.04
CA HIS A 127 -6.40 0.58 -3.62
C HIS A 127 -6.40 2.07 -3.27
N ARG A 128 -5.76 2.90 -4.10
CA ARG A 128 -5.67 4.39 -4.04
C ARG A 128 -4.69 4.87 -2.96
N ASN A 129 -4.11 3.98 -2.15
CA ASN A 129 -3.28 4.45 -0.99
C ASN A 129 -2.07 3.53 -0.79
N LEU A 130 -1.49 3.05 -1.90
CA LEU A 130 -0.23 2.22 -1.91
C LEU A 130 0.89 3.09 -1.34
N LYS A 131 1.55 2.62 -0.28
CA LYS A 131 2.74 3.29 0.26
C LYS A 131 3.47 2.32 1.19
N PRO A 132 4.76 2.55 1.48
CA PRO A 132 5.51 1.58 2.30
C PRO A 132 4.92 1.49 3.72
N GLU A 133 4.25 2.54 4.18
CA GLU A 133 3.49 2.51 5.47
C GLU A 133 2.36 1.46 5.44
N ASN A 134 1.93 1.02 4.27
CA ASN A 134 0.73 0.17 3.98
C ASN A 134 1.10 -1.21 3.44
N LEU A 135 2.38 -1.49 3.38
CA LEU A 135 2.89 -2.81 2.94
C LEU A 135 3.56 -3.44 4.14
N LEU A 136 3.18 -4.67 4.44
CA LEU A 136 3.59 -5.30 5.71
C LEU A 136 4.40 -6.54 5.35
N LEU A 137 5.46 -6.80 6.14
CA LEU A 137 6.29 -8.02 6.02
C LEU A 137 5.64 -9.07 6.91
N ALA A 138 5.39 -10.27 6.35
CA ALA A 138 4.63 -11.36 6.97
C ALA A 138 5.34 -11.79 8.26
N SER A 139 6.67 -11.75 8.24
CA SER A 139 7.53 -12.10 9.40
C SER A 139 8.87 -11.38 9.28
N LYS A 140 9.74 -11.53 10.28
CA LYS A 140 11.07 -10.87 10.27
C LYS A 140 12.10 -11.76 9.57
N LEU A 141 11.72 -12.97 9.14
CA LEU A 141 12.69 -13.88 8.46
C LEU A 141 12.93 -13.42 7.02
N LYS A 142 14.18 -13.50 6.56
CA LYS A 142 14.60 -13.17 5.17
C LYS A 142 13.72 -13.91 4.17
N GLY A 143 13.21 -13.20 3.16
CA GLY A 143 12.34 -13.75 2.11
C GLY A 143 10.86 -13.75 2.49
N ALA A 144 10.50 -13.27 3.69
CA ALA A 144 9.09 -13.18 4.15
C ALA A 144 8.28 -12.36 3.13
N ALA A 145 7.07 -12.78 2.82
CA ALA A 145 6.19 -12.12 1.83
C ALA A 145 5.86 -10.69 2.24
N VAL A 146 5.87 -9.78 1.27
CA VAL A 146 5.29 -8.41 1.45
C VAL A 146 3.81 -8.52 1.12
N LYS A 147 2.96 -7.93 1.96
CA LYS A 147 1.49 -8.03 1.83
C LYS A 147 0.85 -6.64 1.86
N LEU A 148 -0.02 -6.40 0.90
CA LEU A 148 -0.83 -5.16 0.84
C LEU A 148 -1.83 -5.20 2.00
N ALA A 149 -1.99 -4.05 2.62
CA ALA A 149 -2.93 -3.85 3.73
C ALA A 149 -3.65 -2.51 3.55
N ASP A 150 -4.61 -2.30 4.43
CA ASP A 150 -5.36 -1.05 4.60
C ASP A 150 -6.14 -0.70 3.34
N PHE A 151 -7.29 -1.33 3.21
CA PHE A 151 -8.21 -1.12 2.08
C PHE A 151 -9.24 -0.05 2.47
N GLY A 152 -8.99 0.73 3.53
CA GLY A 152 -9.89 1.81 3.98
C GLY A 152 -10.15 2.87 2.91
N LEU A 153 -9.30 3.04 1.89
CA LEU A 153 -9.57 4.04 0.81
C LEU A 153 -9.88 3.40 -0.53
N ALA A 154 -9.91 2.07 -0.58
CA ALA A 154 -10.08 1.32 -1.83
C ALA A 154 -11.48 1.57 -2.39
N ILE A 155 -11.60 1.46 -3.71
CA ILE A 155 -12.88 1.59 -4.44
C ILE A 155 -13.04 0.39 -5.36
N GLU A 156 -14.30 0.10 -5.70
CA GLU A 156 -14.66 -0.92 -6.70
C GLU A 156 -14.88 -0.17 -7.99
N VAL A 157 -14.29 -0.67 -9.08
CA VAL A 157 -14.46 -0.08 -10.43
C VAL A 157 -15.19 -1.09 -11.33
N GLU A 158 -15.84 -0.59 -12.37
CA GLU A 158 -16.61 -1.38 -13.36
C GLU A 158 -15.76 -1.57 -14.61
N GLY A 159 -15.19 -2.75 -14.83
CA GLY A 159 -14.20 -3.00 -15.89
C GLY A 159 -13.12 -1.93 -15.91
N GLU A 160 -12.96 -1.26 -17.05
CA GLU A 160 -11.92 -0.23 -17.29
C GLU A 160 -12.54 1.18 -17.20
N GLN A 161 -13.78 1.28 -16.71
CA GLN A 161 -14.50 2.59 -16.66
C GLN A 161 -13.85 3.43 -15.56
N GLN A 162 -13.59 4.70 -15.87
CA GLN A 162 -12.89 5.63 -14.97
C GLN A 162 -13.73 6.88 -14.72
N ALA A 163 -13.42 7.59 -13.66
CA ALA A 163 -14.08 8.85 -13.25
C ALA A 163 -13.16 9.53 -12.25
N TRP A 164 -13.38 10.81 -12.01
CA TRP A 164 -12.76 11.44 -10.82
C TRP A 164 -13.65 11.08 -9.62
N PHE A 165 -13.32 9.96 -9.00
CA PHE A 165 -14.13 9.39 -7.89
C PHE A 165 -14.09 10.35 -6.70
N GLY A 166 -13.00 11.11 -6.58
CA GLY A 166 -12.79 12.01 -5.44
C GLY A 166 -11.34 12.16 -5.08
N PHE A 167 -11.07 13.06 -4.15
CA PHE A 167 -9.69 13.38 -3.68
C PHE A 167 -9.35 12.47 -2.51
N ALA A 168 -8.50 11.47 -2.76
CA ALA A 168 -8.21 10.44 -1.74
C ALA A 168 -6.77 9.94 -1.95
N GLY A 169 -6.06 9.69 -0.85
CA GLY A 169 -4.71 9.09 -0.88
C GLY A 169 -3.79 9.83 0.05
N THR A 170 -2.48 9.69 -0.18
CA THR A 170 -1.44 10.26 0.69
C THR A 170 -0.61 11.19 -0.19
N PRO A 171 -0.45 12.47 0.22
CA PRO A 171 0.14 13.49 -0.65
C PRO A 171 1.30 13.02 -1.54
N GLY A 172 2.36 12.45 -0.94
CA GLY A 172 3.60 12.09 -1.64
C GLY A 172 3.39 11.00 -2.70
N TYR A 173 2.27 10.27 -2.68
CA TYR A 173 2.00 9.05 -3.50
C TYR A 173 0.87 9.34 -4.48
N LEU A 174 0.27 10.54 -4.42
CA LEU A 174 -0.86 10.93 -5.28
C LEU A 174 -0.40 10.99 -6.74
N SER A 175 -1.27 10.52 -7.64
CA SER A 175 -1.11 10.54 -9.10
C SER A 175 -1.46 11.92 -9.63
N PRO A 176 -0.85 12.32 -10.77
CA PRO A 176 -1.22 13.57 -11.47
C PRO A 176 -2.72 13.64 -11.75
N GLU A 177 -3.29 12.52 -12.21
CA GLU A 177 -4.70 12.51 -12.63
C GLU A 177 -5.57 12.83 -11.42
N VAL A 178 -5.26 12.30 -10.22
CA VAL A 178 -6.08 12.59 -9.01
C VAL A 178 -5.96 14.09 -8.69
N LEU A 179 -4.77 14.67 -8.84
CA LEU A 179 -4.51 16.09 -8.47
C LEU A 179 -5.14 17.04 -9.49
N ARG A 180 -5.40 16.56 -10.71
CA ARG A 180 -5.90 17.40 -11.84
C ARG A 180 -7.42 17.32 -11.93
N LYS A 181 -8.06 16.48 -11.14
CA LYS A 181 -9.51 16.13 -11.22
C LYS A 181 -9.82 15.54 -12.60
N ASP A 182 -8.89 14.77 -13.14
CA ASP A 182 -9.12 13.95 -14.35
C ASP A 182 -9.71 12.61 -13.93
N PRO A 183 -10.43 11.92 -14.84
CA PRO A 183 -10.87 10.55 -14.58
C PRO A 183 -9.69 9.63 -14.26
N TYR A 184 -9.88 8.76 -13.29
CA TYR A 184 -8.81 7.82 -12.91
C TYR A 184 -9.36 6.42 -12.59
N GLY A 185 -8.41 5.52 -12.36
CA GLY A 185 -8.78 4.13 -12.02
C GLY A 185 -7.54 3.33 -11.66
N LYS A 186 -7.41 2.15 -12.24
CA LYS A 186 -6.28 1.23 -11.93
C LYS A 186 -4.92 1.92 -12.00
N PRO A 187 -4.63 2.81 -13.00
CA PRO A 187 -3.29 3.39 -13.09
C PRO A 187 -2.78 4.18 -11.88
N VAL A 188 -3.68 4.65 -11.00
CA VAL A 188 -3.20 5.44 -9.83
C VAL A 188 -2.31 4.54 -8.94
N ASP A 189 -2.61 3.24 -8.90
CA ASP A 189 -1.83 2.31 -8.06
C ASP A 189 -0.46 2.08 -8.72
N LEU A 190 -0.34 2.16 -10.03
CA LEU A 190 0.98 1.93 -10.70
C LEU A 190 1.88 3.17 -10.47
N TRP A 191 1.30 4.35 -10.42
CA TRP A 191 2.06 5.58 -10.12
C TRP A 191 2.65 5.39 -8.71
N ALA A 192 1.84 4.90 -7.78
CA ALA A 192 2.31 4.72 -6.39
C ALA A 192 3.41 3.67 -6.40
N CYS A 193 3.25 2.61 -7.19
CA CYS A 193 4.30 1.56 -7.30
C CYS A 193 5.63 2.21 -7.74
N GLY A 194 5.56 3.18 -8.62
CA GLY A 194 6.75 3.89 -9.12
C GLY A 194 7.44 4.63 -8.00
N VAL A 195 6.65 5.34 -7.20
CA VAL A 195 7.16 6.10 -6.04
C VAL A 195 7.82 5.10 -5.08
N ILE A 196 7.13 4.00 -4.79
CA ILE A 196 7.67 2.93 -3.92
C ILE A 196 8.99 2.39 -4.51
N LEU A 197 9.05 2.13 -5.81
CA LEU A 197 10.25 1.45 -6.39
C LEU A 197 11.44 2.41 -6.29
N TYR A 198 11.21 3.68 -6.61
CA TYR A 198 12.21 4.76 -6.46
C TYR A 198 12.78 4.74 -5.03
N ILE A 199 11.90 4.70 -4.04
CA ILE A 199 12.31 4.74 -2.60
C ILE A 199 13.12 3.49 -2.26
N LEU A 200 12.68 2.31 -2.71
CA LEU A 200 13.37 1.04 -2.41
C LEU A 200 14.86 1.14 -2.82
N LEU A 201 15.12 1.76 -3.97
CA LEU A 201 16.46 1.69 -4.59
C LEU A 201 17.42 2.70 -3.98
N VAL A 202 16.93 3.85 -3.47
CA VAL A 202 17.86 4.90 -2.95
C VAL A 202 17.45 5.39 -1.56
N GLY A 203 16.27 5.03 -1.03
CA GLY A 203 15.91 5.30 0.38
C GLY A 203 15.29 6.68 0.58
N TYR A 204 14.91 7.36 -0.50
CA TYR A 204 14.20 8.66 -0.45
C TYR A 204 13.28 8.71 -1.66
N PRO A 205 12.23 9.54 -1.59
CA PRO A 205 11.27 9.64 -2.68
C PRO A 205 11.58 10.61 -3.80
N PRO A 206 10.94 10.39 -4.97
CA PRO A 206 11.13 11.22 -6.16
C PRO A 206 10.52 12.61 -6.01
N PHE A 207 9.48 12.70 -5.18
CA PHE A 207 8.73 13.97 -4.94
C PHE A 207 8.71 14.20 -3.43
N TRP A 208 9.36 15.25 -3.00
CA TRP A 208 9.26 15.74 -1.61
C TRP A 208 9.41 17.25 -1.60
N ASP A 209 8.50 17.89 -0.87
CA ASP A 209 8.69 19.30 -0.45
C ASP A 209 7.90 19.42 0.84
N GLU A 210 8.47 20.11 1.82
CA GLU A 210 7.77 20.65 3.01
C GLU A 210 6.49 21.35 2.54
N ASP A 211 6.61 22.11 1.46
CA ASP A 211 5.55 22.97 0.92
C ASP A 211 4.67 22.17 -0.04
N GLN A 212 3.44 21.93 0.37
CA GLN A 212 2.54 21.04 -0.39
C GLN A 212 2.19 21.65 -1.74
N HIS A 213 2.05 22.98 -1.81
CA HIS A 213 1.81 23.69 -3.11
C HIS A 213 2.86 23.21 -4.13
N ARG A 214 4.13 23.26 -3.73
CA ARG A 214 5.27 22.90 -4.60
C ARG A 214 5.24 21.39 -4.86
N LEU A 215 4.95 20.57 -3.83
CA LEU A 215 4.89 19.09 -3.97
C LEU A 215 3.92 18.72 -5.09
N TYR A 216 2.69 19.23 -5.03
CA TYR A 216 1.64 18.92 -6.02
C TYR A 216 2.04 19.44 -7.41
N LYS A 217 2.68 20.60 -7.52
CA LYS A 217 3.13 21.08 -8.85
C LYS A 217 4.14 20.09 -9.43
N GLN A 218 5.08 19.66 -8.60
CA GLN A 218 6.19 18.72 -8.89
C GLN A 218 5.58 17.40 -9.38
N ILE A 219 4.61 16.85 -8.66
CA ILE A 219 3.94 15.57 -9.08
C ILE A 219 3.26 15.76 -10.44
N LYS A 220 2.50 16.82 -10.60
CA LYS A 220 1.73 17.07 -11.84
C LYS A 220 2.65 17.26 -13.03
N ALA A 221 3.86 17.76 -12.84
CA ALA A 221 4.81 17.99 -13.93
C ALA A 221 5.68 16.74 -14.18
N GLY A 222 5.60 15.69 -13.36
CA GLY A 222 6.51 14.53 -13.43
C GLY A 222 7.94 14.94 -13.22
N ALA A 223 8.15 15.90 -12.30
CA ALA A 223 9.45 16.57 -12.03
C ALA A 223 10.26 15.78 -11.01
N TYR A 224 10.89 14.71 -11.48
CA TYR A 224 11.80 13.91 -10.64
C TYR A 224 13.01 13.66 -11.50
N ASP A 225 14.13 13.34 -10.89
CA ASP A 225 15.29 12.85 -11.65
C ASP A 225 16.00 11.80 -10.80
N PHE A 226 17.17 11.42 -11.26
CA PHE A 226 17.98 10.35 -10.65
C PHE A 226 19.35 10.93 -10.31
N PRO A 227 19.48 11.65 -9.17
CA PRO A 227 20.72 12.34 -8.81
C PRO A 227 21.93 11.41 -8.69
N SER A 228 23.07 11.93 -9.13
CA SER A 228 24.40 11.34 -8.87
C SER A 228 24.73 11.57 -7.41
N PRO A 229 25.59 10.75 -6.77
CA PRO A 229 26.13 9.55 -7.39
C PRO A 229 25.22 8.33 -7.28
N GLU A 230 24.32 8.31 -6.28
CA GLU A 230 23.53 7.08 -5.91
C GLU A 230 22.90 6.45 -7.17
N TRP A 231 22.40 7.19 -8.14
CA TRP A 231 21.69 6.59 -9.31
C TRP A 231 22.67 6.22 -10.46
N ASP A 232 23.95 6.58 -10.35
CA ASP A 232 24.92 6.39 -11.47
C ASP A 232 25.16 4.90 -11.69
N THR A 233 25.09 4.10 -10.63
CA THR A 233 25.37 2.64 -10.65
C THR A 233 24.08 1.82 -10.73
N VAL A 234 22.93 2.48 -10.78
CA VAL A 234 21.60 1.82 -10.95
C VAL A 234 21.42 1.51 -12.43
N THR A 235 20.94 0.31 -12.74
CA THR A 235 20.88 -0.17 -14.12
C THR A 235 19.90 0.74 -14.82
N PRO A 236 20.11 0.97 -16.12
CA PRO A 236 19.10 1.64 -16.95
C PRO A 236 17.73 0.96 -16.92
N GLU A 237 17.67 -0.37 -16.83
CA GLU A 237 16.37 -1.10 -16.90
C GLU A 237 15.55 -0.83 -15.63
N ALA A 238 16.19 -0.70 -14.47
CA ALA A 238 15.52 -0.27 -13.21
C ALA A 238 14.96 1.14 -13.43
N LYS A 239 15.75 2.08 -13.97
CA LYS A 239 15.28 3.45 -14.24
C LYS A 239 14.12 3.45 -15.23
N ASP A 240 14.19 2.61 -16.26
CA ASP A 240 13.20 2.50 -17.35
C ASP A 240 11.86 2.10 -16.74
N LEU A 241 11.87 1.10 -15.86
CA LEU A 241 10.63 0.62 -15.19
C LEU A 241 10.06 1.77 -14.34
N ILE A 242 10.86 2.43 -13.53
CA ILE A 242 10.38 3.63 -12.76
C ILE A 242 9.76 4.62 -13.74
N ASN A 243 10.43 4.92 -14.85
CA ASN A 243 9.92 5.94 -15.80
C ASN A 243 8.56 5.49 -16.35
N LYS A 244 8.40 4.19 -16.62
CA LYS A 244 7.12 3.68 -17.20
C LYS A 244 5.99 3.77 -16.16
N MET A 245 6.30 3.61 -14.88
CA MET A 245 5.33 3.78 -13.76
C MET A 245 5.08 5.27 -13.50
N LEU A 246 6.12 6.10 -13.52
CA LEU A 246 5.93 7.57 -13.27
C LEU A 246 5.72 8.32 -14.58
N THR A 247 4.84 7.79 -15.44
CA THR A 247 4.35 8.40 -16.69
C THR A 247 3.10 9.18 -16.33
N ILE A 248 3.11 10.47 -16.66
CA ILE A 248 2.08 11.43 -16.18
C ILE A 248 0.79 11.04 -16.85
N ASN A 249 0.85 10.67 -18.14
CA ASN A 249 -0.34 10.31 -18.94
C ASN A 249 -0.77 8.93 -18.47
N PRO A 250 -1.92 8.78 -17.79
CA PRO A 250 -2.29 7.47 -17.22
C PRO A 250 -2.60 6.39 -18.27
N SER A 251 -2.98 6.78 -19.51
CA SER A 251 -3.16 5.88 -20.68
C SER A 251 -1.87 5.16 -21.03
N LYS A 252 -0.75 5.88 -21.10
CA LYS A 252 0.57 5.40 -21.59
C LYS A 252 1.31 4.68 -20.45
N ARG A 253 0.97 5.00 -19.22
CA ARG A 253 1.59 4.40 -18.01
C ARG A 253 1.53 2.87 -18.09
N ILE A 254 2.60 2.22 -17.63
CA ILE A 254 2.70 0.73 -17.60
C ILE A 254 1.59 0.18 -16.68
N THR A 255 1.00 -0.96 -17.05
CA THR A 255 -0.03 -1.64 -16.22
C THR A 255 0.67 -2.62 -15.31
N ALA A 256 -0.05 -3.22 -14.36
CA ALA A 256 0.55 -4.22 -13.44
C ALA A 256 1.02 -5.46 -14.23
N ALA A 257 0.18 -6.04 -15.10
CA ALA A 257 0.55 -7.23 -15.89
C ALA A 257 1.71 -6.93 -16.85
N GLU A 258 1.75 -5.72 -17.40
CA GLU A 258 2.90 -5.28 -18.25
C GLU A 258 4.18 -5.18 -17.41
N ALA A 259 4.13 -4.58 -16.22
CA ALA A 259 5.31 -4.36 -15.37
C ALA A 259 5.89 -5.70 -14.91
N LEU A 260 5.04 -6.71 -14.72
CA LEU A 260 5.47 -8.07 -14.29
C LEU A 260 6.30 -8.73 -15.42
N LYS A 261 6.17 -8.29 -16.66
CA LYS A 261 6.99 -8.86 -17.78
C LYS A 261 8.17 -7.95 -18.11
N HIS A 262 8.34 -6.83 -17.42
CA HIS A 262 9.51 -5.96 -17.67
C HIS A 262 10.78 -6.73 -17.34
N PRO A 263 11.83 -6.65 -18.18
CA PRO A 263 13.03 -7.47 -17.98
C PRO A 263 13.70 -7.28 -16.62
N TRP A 264 13.54 -6.13 -15.97
CA TRP A 264 14.13 -5.89 -14.63
C TRP A 264 13.42 -6.74 -13.56
N ILE A 265 12.17 -7.15 -13.81
CA ILE A 265 11.42 -8.05 -12.87
C ILE A 265 11.63 -9.50 -13.33
N SER A 266 11.46 -9.73 -14.63
N SER A 266 11.49 -9.74 -14.63
CA SER A 266 11.28 -11.07 -15.25
CA SER A 266 11.29 -11.09 -15.21
C SER A 266 12.59 -11.86 -15.28
C SER A 266 12.59 -11.88 -15.37
N HIS A 267 13.73 -11.20 -15.55
CA HIS A 267 15.08 -11.82 -15.70
C HIS A 267 15.77 -11.95 -14.34
N ARG A 268 15.47 -13.03 -13.61
CA ARG A 268 15.94 -13.26 -12.22
C ARG A 268 15.97 -14.76 -11.93
N SER B 8 21.05 19.70 -0.03
CA SER B 8 20.63 18.26 0.04
C SER B 8 20.96 17.54 -1.27
N HIS B 9 21.15 18.29 -2.36
CA HIS B 9 21.79 17.85 -3.62
C HIS B 9 21.05 16.65 -4.23
N GLY B 10 19.71 16.70 -4.26
CA GLY B 10 18.87 15.63 -4.84
C GLY B 10 18.36 14.65 -3.80
N ARG B 11 19.16 14.37 -2.76
CA ARG B 11 18.76 13.52 -1.60
C ARG B 11 17.64 14.25 -0.82
N ARG B 12 16.59 13.52 -0.53
CA ARG B 12 15.47 13.97 0.34
C ARG B 12 15.56 13.18 1.63
N PRO B 13 14.90 13.63 2.71
CA PRO B 13 14.64 12.78 3.85
C PRO B 13 13.54 11.79 3.44
N LEU B 14 13.58 10.59 4.02
CA LEU B 14 12.41 9.70 4.03
C LEU B 14 11.61 10.04 5.27
N ILE B 15 10.44 10.63 5.09
CA ILE B 15 9.55 11.02 6.22
C ILE B 15 8.25 10.21 6.11
N ARG B 16 7.81 9.70 7.24
CA ARG B 16 6.57 8.90 7.34
C ARG B 16 5.42 9.82 6.95
N GLN B 17 4.53 9.32 6.11
CA GLN B 17 3.30 10.02 5.70
C GLN B 17 2.13 9.16 6.14
N ASP B 18 1.65 9.37 7.36
CA ASP B 18 0.49 8.62 7.91
C ASP B 18 -0.79 9.32 7.46
N ARG B 19 -0.73 10.64 7.30
CA ARG B 19 -1.93 11.50 7.18
C ARG B 19 -2.41 11.49 5.73
N ILE B 20 -3.67 11.10 5.50
CA ILE B 20 -4.32 11.05 4.17
C ILE B 20 -4.93 12.42 3.91
N VAL B 21 -5.20 12.73 2.65
CA VAL B 21 -5.80 14.03 2.22
C VAL B 21 -7.32 13.99 2.48
#